data_2IA1
#
_entry.id   2IA1
#
_cell.length_a   71.385
_cell.length_b   81.448
_cell.length_c   91.135
_cell.angle_alpha   90.00
_cell.angle_beta   90.00
_cell.angle_gamma   90.00
#
_symmetry.space_group_name_H-M   'P 21 21 21'
#
loop_
_entity.id
_entity.type
_entity.pdbx_description
1 polymer 'BH3703 protein'
2 non-polymer 'SULFATE ION'
3 non-polymer GLYCEROL
4 water water
#
_entity_poly.entity_id   1
_entity_poly.type   'polypeptide(L)'
_entity_poly.pdbx_seq_one_letter_code
;SLEKQIESYYQEIAQLIIDMIPEEWAEVRFYAQEDHDGWKIFFFHYLSASSDEWTKDIDIRDVIKVPQDEFMEKYNELSF
CISDFRKDYAEAFGEPWMSFQMTFYASGKFNIDFYYDKNPFDTFLTRLAWQYEHFGTIPEDSFYKETLNEYLEEKAQGKR
YPFLEPLKEEEGHHHHHH
;
_entity_poly.pdbx_strand_id   A,B
#
loop_
_chem_comp.id
_chem_comp.type
_chem_comp.name
_chem_comp.formula
GOL non-polymer GLYCEROL 'C3 H8 O3'
SO4 non-polymer 'SULFATE ION' 'O4 S -2'
#
# COMPACT_ATOMS: atom_id res chain seq x y z
N SER A 1 30.37 -3.46 4.81
CA SER A 1 30.19 -4.91 5.17
C SER A 1 28.73 -5.28 4.88
N LEU A 2 28.47 -6.59 4.82
CA LEU A 2 27.06 -7.05 4.69
C LEU A 2 26.24 -6.64 5.88
N GLU A 3 26.83 -6.75 7.07
CA GLU A 3 26.12 -6.34 8.28
C GLU A 3 25.70 -4.86 8.19
N LYS A 4 26.59 -3.98 7.72
CA LYS A 4 26.20 -2.55 7.61
C LYS A 4 25.10 -2.33 6.58
N GLN A 5 25.12 -3.08 5.47
CA GLN A 5 24.00 -3.02 4.50
C GLN A 5 22.65 -3.42 5.09
N ILE A 6 22.62 -4.48 5.92
N ILE A 6 22.64 -4.59 5.73
CA ILE A 6 21.36 -4.83 6.64
CA ILE A 6 21.41 -5.15 6.19
C ILE A 6 20.94 -3.68 7.58
C ILE A 6 20.85 -4.12 7.19
N GLU A 7 21.91 -3.08 8.26
N GLU A 7 21.71 -3.60 8.05
CA GLU A 7 21.56 -2.01 9.17
CA GLU A 7 21.27 -2.54 8.98
C GLU A 7 20.93 -0.85 8.39
C GLU A 7 20.79 -1.29 8.22
N SER A 8 21.44 -0.58 7.18
N SER A 8 21.44 -0.93 7.12
CA SER A 8 20.87 0.48 6.35
CA SER A 8 20.99 0.26 6.36
C SER A 8 19.43 0.19 5.87
C SER A 8 19.52 0.12 5.98
N TYR A 9 19.14 -1.07 5.53
CA TYR A 9 17.75 -1.42 5.22
C TYR A 9 16.91 -1.22 6.47
N TYR A 10 17.38 -1.71 7.62
CA TYR A 10 16.62 -1.56 8.87
C TYR A 10 16.38 -0.07 9.11
N GLN A 11 17.41 0.76 8.92
CA GLN A 11 17.25 2.19 9.17
C GLN A 11 16.22 2.82 8.25
N GLU A 12 16.24 2.43 6.98
CA GLU A 12 15.31 2.98 6.04
C GLU A 12 13.87 2.57 6.37
N ILE A 13 13.68 1.30 6.71
CA ILE A 13 12.34 0.78 7.05
C ILE A 13 11.88 1.42 8.34
N ALA A 14 12.75 1.44 9.34
CA ALA A 14 12.36 2.05 10.63
C ALA A 14 11.97 3.51 10.42
N GLN A 15 12.71 4.28 9.61
CA GLN A 15 12.40 5.69 9.42
C GLN A 15 11.03 5.85 8.78
N LEU A 16 10.67 4.98 7.82
CA LEU A 16 9.32 5.12 7.18
C LEU A 16 8.23 4.83 8.19
N ILE A 17 8.48 3.81 9.02
CA ILE A 17 7.50 3.51 10.08
C ILE A 17 7.38 4.67 11.07
N ILE A 18 8.52 5.16 11.51
CA ILE A 18 8.56 6.36 12.45
C ILE A 18 7.79 7.53 11.83
N ASP A 19 7.95 7.73 10.53
CA ASP A 19 7.24 8.83 9.81
C ASP A 19 5.72 8.66 9.88
N MET A 20 5.24 7.41 9.94
CA MET A 20 3.79 7.12 10.00
C MET A 20 3.27 7.24 11.42
N ILE A 21 4.14 6.99 12.39
CA ILE A 21 3.69 7.01 13.80
C ILE A 21 3.46 8.45 14.23
N PRO A 22 2.24 8.76 14.73
CA PRO A 22 1.84 10.15 15.02
C PRO A 22 2.17 10.72 16.42
N GLU A 23 2.92 9.97 17.20
CA GLU A 23 3.22 10.31 18.58
C GLU A 23 4.51 9.69 19.04
N GLU A 24 4.96 10.08 20.24
N GLU A 24 4.93 10.05 20.26
CA GLU A 24 6.16 9.46 20.83
CA GLU A 24 6.14 9.47 20.85
C GLU A 24 5.91 7.97 21.04
C GLU A 24 5.95 7.99 21.15
N TRP A 25 6.91 7.18 20.68
CA TRP A 25 6.83 5.70 20.81
C TRP A 25 8.00 5.19 21.64
N ALA A 26 7.79 4.00 22.23
CA ALA A 26 8.81 3.32 23.08
C ALA A 26 9.45 2.11 22.35
N GLU A 27 8.65 1.46 21.51
CA GLU A 27 9.06 0.19 20.86
C GLU A 27 8.19 0.00 19.64
N VAL A 28 8.78 -0.59 18.60
CA VAL A 28 8.02 -0.94 17.39
C VAL A 28 8.31 -2.39 17.06
N ARG A 29 7.30 -3.13 16.64
CA ARG A 29 7.51 -4.53 16.09
C ARG A 29 6.88 -4.56 14.73
N PHE A 30 7.65 -5.05 13.76
CA PHE A 30 7.26 -4.99 12.34
C PHE A 30 7.32 -6.39 11.79
N TYR A 31 6.30 -6.77 11.03
CA TYR A 31 6.23 -8.08 10.36
C TYR A 31 6.12 -7.81 8.87
N ALA A 32 6.95 -8.49 8.08
CA ALA A 32 6.87 -8.36 6.61
C ALA A 32 7.01 -9.71 5.95
N GLN A 33 6.24 -9.87 4.85
CA GLN A 33 6.16 -11.20 4.20
C GLN A 33 5.92 -10.96 2.73
N GLU A 34 6.70 -11.67 1.90
CA GLU A 34 6.53 -11.62 0.44
C GLU A 34 6.93 -12.95 -0.11
N ASP A 35 6.07 -13.53 -0.95
CA ASP A 35 6.44 -14.80 -1.56
C ASP A 35 6.92 -14.67 -2.99
N HIS A 36 7.17 -15.80 -3.65
CA HIS A 36 7.81 -15.74 -4.94
C HIS A 36 6.89 -15.11 -5.99
N ASP A 37 5.59 -15.20 -5.76
CA ASP A 37 4.59 -14.69 -6.67
C ASP A 37 4.15 -13.27 -6.30
N GLY A 38 4.78 -12.67 -5.30
CA GLY A 38 4.48 -11.26 -4.99
C GLY A 38 3.37 -11.06 -3.97
N TRP A 39 2.78 -12.15 -3.49
N TRP A 39 2.75 -12.11 -3.49
CA TRP A 39 1.78 -12.08 -2.38
CA TRP A 39 1.73 -11.82 -2.53
C TRP A 39 2.46 -11.45 -1.17
C TRP A 39 2.41 -11.45 -1.22
N LYS A 40 1.86 -10.42 -0.59
CA LYS A 40 2.55 -9.68 0.47
C LYS A 40 1.63 -9.41 1.64
N ILE A 41 2.19 -9.53 2.85
CA ILE A 41 1.51 -9.07 4.10
C ILE A 41 2.56 -8.27 4.86
N PHE A 42 2.20 -7.08 5.35
CA PHE A 42 3.15 -6.37 6.24
C PHE A 42 2.36 -5.48 7.16
N PHE A 43 2.86 -5.36 8.38
CA PHE A 43 2.17 -4.48 9.34
C PHE A 43 3.12 -4.21 10.52
N PHE A 44 2.88 -3.13 11.22
CA PHE A 44 3.60 -2.88 12.48
C PHE A 44 2.60 -2.51 13.56
N HIS A 45 3.07 -2.70 14.80
CA HIS A 45 2.40 -2.17 16.01
C HIS A 45 3.48 -1.38 16.72
N TYR A 46 3.06 -0.37 17.48
CA TYR A 46 4.04 0.41 18.27
C TYR A 46 3.51 0.64 19.65
N LEU A 47 4.46 0.76 20.57
CA LEU A 47 4.09 1.00 21.96
C LEU A 47 4.11 2.50 22.21
N SER A 48 2.95 3.05 22.57
CA SER A 48 2.84 4.50 22.75
C SER A 48 3.57 4.89 24.03
N ALA A 49 4.43 5.91 23.96
CA ALA A 49 5.13 6.35 25.19
C ALA A 49 4.15 6.90 26.22
N SER A 50 3.14 7.65 25.77
CA SER A 50 2.23 8.33 26.73
C SER A 50 1.23 7.41 27.40
N SER A 51 0.68 6.47 26.66
CA SER A 51 -0.35 5.55 27.20
C SER A 51 0.23 4.22 27.65
N ASP A 52 1.41 3.88 27.15
CA ASP A 52 2.02 2.58 27.39
C ASP A 52 1.08 1.46 26.90
N GLU A 53 0.44 1.71 25.75
CA GLU A 53 -0.41 0.71 25.13
C GLU A 53 0.11 0.43 23.74
N TRP A 54 0.02 -0.82 23.32
CA TRP A 54 0.37 -1.18 21.94
C TRP A 54 -0.75 -0.73 21.00
N THR A 55 -0.37 -0.19 19.85
CA THR A 55 -1.29 0.45 18.89
C THR A 55 -1.02 -0.09 17.51
N LYS A 56 -2.07 -0.40 16.76
CA LYS A 56 -1.86 -0.96 15.42
C LYS A 56 -1.65 0.15 14.39
N ASP A 57 -0.82 -0.14 13.40
CA ASP A 57 -0.63 0.76 12.23
C ASP A 57 -1.98 1.23 11.67
N ILE A 58 -2.90 0.26 11.49
CA ILE A 58 -4.22 0.56 10.88
C ILE A 58 -5.08 1.49 11.72
N ASP A 59 -4.70 1.67 12.98
CA ASP A 59 -5.51 2.54 13.85
C ASP A 59 -5.01 3.99 13.81
N ILE A 60 -3.85 4.22 13.19
CA ILE A 60 -3.29 5.58 13.13
C ILE A 60 -4.24 6.49 12.33
N ARG A 61 -4.90 5.96 11.28
N ARG A 61 -4.86 5.94 11.28
CA ARG A 61 -5.83 6.78 10.47
CA ARG A 61 -5.87 6.65 10.48
C ARG A 61 -7.00 7.40 11.26
C ARG A 61 -6.87 7.44 11.32
N ASP A 62 -7.32 6.83 12.41
CA ASP A 62 -8.36 7.42 13.28
C ASP A 62 -7.94 8.67 14.02
N VAL A 63 -6.62 8.88 14.16
CA VAL A 63 -6.08 10.00 14.94
C VAL A 63 -5.18 10.90 14.07
N ILE A 64 -5.11 10.57 12.78
N ILE A 64 -5.14 10.58 12.78
CA ILE A 64 -4.17 11.18 11.87
CA ILE A 64 -4.20 11.20 11.87
C ILE A 64 -4.41 12.68 11.74
C ILE A 64 -4.43 12.69 11.70
N LYS A 65 -3.31 13.43 11.68
CA LYS A 65 -3.32 14.86 11.54
C LYS A 65 -3.02 15.35 10.08
N VAL A 66 -2.04 14.72 9.45
CA VAL A 66 -1.67 14.97 8.04
C VAL A 66 -2.74 14.40 7.09
N PRO A 67 -2.76 14.88 5.80
CA PRO A 67 -3.72 14.30 4.82
C PRO A 67 -3.46 12.80 4.67
N GLN A 68 -4.53 12.04 4.47
N GLN A 68 -4.52 12.01 4.48
CA GLN A 68 -4.40 10.60 4.34
CA GLN A 68 -4.34 10.54 4.38
C GLN A 68 -3.43 10.22 3.26
C GLN A 68 -3.42 10.17 3.22
N ASP A 69 -3.40 11.00 2.17
CA ASP A 69 -2.48 10.71 1.04
C ASP A 69 -1.02 10.79 1.47
N GLU A 70 -0.70 11.71 2.42
CA GLU A 70 0.68 11.76 2.95
C GLU A 70 1.06 10.44 3.67
N PHE A 71 0.12 9.90 4.44
CA PHE A 71 0.35 8.60 5.14
C PHE A 71 0.47 7.50 4.10
N MET A 72 -0.44 7.50 3.13
CA MET A 72 -0.39 6.45 2.08
C MET A 72 0.89 6.49 1.25
N GLU A 73 1.41 7.69 1.00
CA GLU A 73 2.70 7.82 0.35
C GLU A 73 3.77 7.05 1.13
N LYS A 74 3.86 7.29 2.43
CA LYS A 74 4.86 6.55 3.27
C LYS A 74 4.56 5.04 3.26
N TYR A 75 3.29 4.67 3.32
CA TYR A 75 2.90 3.25 3.25
C TYR A 75 3.42 2.63 1.96
N ASN A 76 3.22 3.30 0.80
CA ASN A 76 3.72 2.78 -0.47
C ASN A 76 5.25 2.70 -0.47
N GLU A 77 5.89 3.73 0.09
N GLU A 77 5.89 3.72 0.11
CA GLU A 77 7.35 3.71 0.16
CA GLU A 77 7.35 3.69 0.15
C GLU A 77 7.83 2.49 0.97
C GLU A 77 7.87 2.54 1.02
N LEU A 78 7.13 2.19 2.07
CA LEU A 78 7.55 1.07 2.94
C LEU A 78 7.35 -0.23 2.17
N SER A 79 6.21 -0.34 1.45
CA SER A 79 5.95 -1.53 0.64
C SER A 79 7.01 -1.75 -0.41
N PHE A 80 7.41 -0.69 -1.09
CA PHE A 80 8.45 -0.86 -2.10
C PHE A 80 9.75 -1.26 -1.42
N CYS A 81 10.07 -0.61 -0.31
N CYS A 81 10.07 -0.65 -0.29
CA CYS A 81 11.36 -0.92 0.35
CA CYS A 81 11.32 -0.97 0.40
C CYS A 81 11.44 -2.42 0.75
C CYS A 81 11.49 -2.45 0.61
N ILE A 82 10.32 -3.00 1.22
N ILE A 82 10.48 -3.07 1.20
CA ILE A 82 10.27 -4.46 1.54
CA ILE A 82 10.58 -4.48 1.57
C ILE A 82 10.70 -5.25 0.32
C ILE A 82 10.61 -5.41 0.34
N SER A 83 10.07 -4.97 -0.82
CA SER A 83 10.27 -5.77 -2.05
C SER A 83 11.69 -5.54 -2.57
N ASP A 84 12.14 -4.28 -2.51
CA ASP A 84 13.50 -3.99 -3.06
C ASP A 84 14.56 -4.73 -2.24
N PHE A 85 14.35 -4.69 -0.93
CA PHE A 85 15.26 -5.41 0.01
C PHE A 85 15.25 -6.90 -0.30
N ARG A 86 14.06 -7.47 -0.51
CA ARG A 86 13.94 -8.94 -0.79
C ARG A 86 14.76 -9.28 -2.02
N LYS A 87 14.62 -8.48 -3.05
N LYS A 87 14.64 -8.45 -3.06
CA LYS A 87 15.32 -8.79 -4.29
CA LYS A 87 15.34 -8.69 -4.32
C LYS A 87 16.87 -8.72 -4.11
C LYS A 87 16.85 -8.66 -4.19
N ASP A 88 17.36 -7.69 -3.42
CA ASP A 88 18.80 -7.55 -3.22
C ASP A 88 19.34 -8.68 -2.32
N TYR A 89 18.59 -9.01 -1.28
CA TYR A 89 18.96 -10.12 -0.38
C TYR A 89 19.01 -11.40 -1.18
N ALA A 90 18.04 -11.68 -2.03
CA ALA A 90 18.09 -12.91 -2.88
C ALA A 90 19.27 -12.93 -3.83
N GLU A 91 19.58 -11.77 -4.39
N GLU A 91 19.61 -11.77 -4.41
CA GLU A 91 20.73 -11.73 -5.33
CA GLU A 91 20.75 -11.69 -5.35
C GLU A 91 22.02 -12.05 -4.60
C GLU A 91 22.08 -11.94 -4.65
N ALA A 92 22.18 -11.48 -3.40
CA ALA A 92 23.39 -11.68 -2.61
C ALA A 92 23.50 -13.08 -1.99
N PHE A 93 22.42 -13.49 -1.28
N PHE A 93 22.44 -13.58 -1.39
CA PHE A 93 22.29 -14.74 -0.44
CA PHE A 93 22.56 -14.83 -0.65
C PHE A 93 22.05 -15.99 -1.37
C PHE A 93 21.92 -16.01 -1.32
N GLY A 94 21.43 -15.78 -2.53
CA GLY A 94 21.07 -16.89 -3.43
C GLY A 94 19.66 -17.37 -3.26
N GLU A 95 18.94 -16.89 -2.22
CA GLU A 95 17.53 -17.15 -2.08
C GLU A 95 16.93 -16.02 -1.28
N PRO A 96 15.64 -15.73 -1.50
CA PRO A 96 15.00 -14.69 -0.72
C PRO A 96 14.57 -15.19 0.64
N TRP A 97 14.46 -14.26 1.60
CA TRP A 97 13.60 -14.55 2.75
C TRP A 97 12.14 -14.60 2.29
N MET A 98 11.34 -15.37 3.02
CA MET A 98 9.87 -15.41 2.80
C MET A 98 9.22 -14.40 3.71
N SER A 99 9.80 -14.21 4.88
CA SER A 99 9.30 -13.19 5.81
C SER A 99 10.40 -12.73 6.73
N PHE A 100 10.15 -11.62 7.41
CA PHE A 100 11.08 -11.21 8.46
C PHE A 100 10.30 -10.54 9.59
N GLN A 101 10.90 -10.52 10.77
CA GLN A 101 10.34 -9.76 11.89
C GLN A 101 11.45 -8.82 12.36
N MET A 102 11.08 -7.58 12.66
N MET A 102 11.10 -7.59 12.69
CA MET A 102 12.03 -6.58 13.17
CA MET A 102 12.08 -6.63 13.18
C MET A 102 11.44 -6.03 14.45
C MET A 102 11.50 -5.86 14.37
N THR A 103 12.31 -5.75 15.43
CA THR A 103 11.88 -5.02 16.60
C THR A 103 12.90 -3.89 16.78
N PHE A 104 12.41 -2.70 17.09
CA PHE A 104 13.32 -1.62 17.47
C PHE A 104 12.79 -0.80 18.65
N TYR A 105 13.72 -0.20 19.38
CA TYR A 105 13.41 0.44 20.66
C TYR A 105 13.84 1.91 20.61
N ALA A 106 13.23 2.68 21.50
CA ALA A 106 13.57 4.10 21.69
C ALA A 106 15.07 4.29 21.91
N SER A 107 15.73 3.31 22.51
CA SER A 107 17.19 3.34 22.80
C SER A 107 18.04 3.28 21.52
N GLY A 108 17.43 2.87 20.41
CA GLY A 108 18.16 2.65 19.16
C GLY A 108 18.56 1.19 18.94
N LYS A 109 18.37 0.35 19.96
CA LYS A 109 18.57 -1.10 19.79
C LYS A 109 17.61 -1.65 18.72
N PHE A 110 18.06 -2.65 17.95
CA PHE A 110 17.15 -3.34 17.06
C PHE A 110 17.52 -4.80 16.90
N ASN A 111 16.53 -5.56 16.47
N ASN A 111 16.59 -5.60 16.42
CA ASN A 111 16.64 -7.00 16.19
CA ASN A 111 16.88 -6.97 16.07
C ASN A 111 16.01 -7.23 14.80
C ASN A 111 16.00 -7.36 14.90
N ILE A 112 16.60 -8.10 13.97
CA ILE A 112 15.94 -8.54 12.74
C ILE A 112 16.20 -10.03 12.55
N ASP A 113 15.16 -10.82 12.30
N ASP A 113 15.14 -10.79 12.28
CA ASP A 113 15.37 -12.25 11.96
CA ASP A 113 15.27 -12.23 11.96
C ASP A 113 14.57 -12.60 10.71
C ASP A 113 14.55 -12.58 10.67
N PHE A 114 15.15 -13.50 9.92
CA PHE A 114 14.59 -13.88 8.63
C PHE A 114 14.07 -15.32 8.70
N TYR A 115 12.98 -15.56 7.95
CA TYR A 115 12.35 -16.89 7.93
C TYR A 115 12.06 -17.30 6.51
N TYR A 116 11.90 -18.62 6.32
CA TYR A 116 11.83 -19.19 4.97
C TYR A 116 10.63 -20.14 4.80
N ASP A 117 9.62 -19.99 5.66
CA ASP A 117 8.42 -20.80 5.58
C ASP A 117 7.31 -20.13 4.82
N LYS A 118 6.39 -20.94 4.30
CA LYS A 118 5.16 -20.43 3.66
C LYS A 118 4.21 -20.14 4.80
N ASN A 119 3.43 -19.08 4.67
CA ASN A 119 2.42 -18.79 5.65
C ASN A 119 1.07 -19.10 5.01
N PRO A 120 0.29 -20.02 5.62
CA PRO A 120 -0.98 -20.37 5.02
C PRO A 120 -2.13 -19.39 5.35
N PHE A 121 -1.87 -18.39 6.18
CA PHE A 121 -2.98 -17.57 6.68
C PHE A 121 -3.10 -16.22 5.93
N ASP A 122 -4.32 -15.71 5.83
CA ASP A 122 -4.49 -14.40 5.17
C ASP A 122 -4.05 -13.23 6.04
N THR A 123 -4.23 -12.02 5.51
CA THR A 123 -3.73 -10.84 6.25
C THR A 123 -4.37 -10.70 7.64
N PHE A 124 -5.70 -10.75 7.65
CA PHE A 124 -6.44 -10.57 8.88
C PHE A 124 -6.04 -11.61 9.95
N LEU A 125 -6.04 -12.89 9.59
CA LEU A 125 -5.71 -13.90 10.58
C LEU A 125 -4.22 -13.83 10.93
N THR A 126 -3.36 -13.51 9.96
CA THR A 126 -1.96 -13.39 10.29
C THR A 126 -1.74 -12.35 11.40
N ARG A 127 -2.41 -11.21 11.31
CA ARG A 127 -2.21 -10.21 12.36
C ARG A 127 -2.77 -10.74 13.70
N LEU A 128 -3.95 -11.39 13.70
CA LEU A 128 -4.53 -11.94 14.96
C LEU A 128 -3.55 -12.95 15.60
N ALA A 129 -2.93 -13.80 14.75
CA ALA A 129 -2.05 -14.84 15.26
C ALA A 129 -0.75 -14.20 15.79
N TRP A 130 -0.25 -13.20 15.06
CA TRP A 130 0.97 -12.50 15.46
C TRP A 130 0.72 -11.83 16.81
N GLN A 131 -0.41 -11.16 16.96
CA GLN A 131 -0.70 -10.48 18.23
C GLN A 131 -0.79 -11.48 19.37
N TYR A 132 -1.43 -12.60 19.07
CA TYR A 132 -1.59 -13.62 20.08
C TYR A 132 -0.21 -14.11 20.57
N GLU A 133 0.68 -14.36 19.63
CA GLU A 133 2.01 -14.85 19.99
C GLU A 133 2.84 -13.80 20.70
N HIS A 134 2.83 -12.59 20.18
CA HIS A 134 3.65 -11.55 20.74
C HIS A 134 3.13 -10.98 22.04
N PHE A 135 1.81 -10.85 22.17
CA PHE A 135 1.21 -10.14 23.31
C PHE A 135 0.20 -10.93 24.13
N GLY A 136 -0.12 -12.13 23.68
CA GLY A 136 -1.09 -12.99 24.35
C GLY A 136 -2.54 -12.58 24.13
N THR A 137 -2.80 -11.73 23.15
CA THR A 137 -4.15 -11.12 22.96
C THR A 137 -5.17 -12.12 22.42
N ILE A 138 -6.35 -12.17 23.07
CA ILE A 138 -7.43 -13.09 22.67
C ILE A 138 -8.90 -12.61 22.46
N PRO A 139 -9.24 -12.03 21.29
CA PRO A 139 -9.27 -10.63 20.91
C PRO A 139 -10.71 -10.16 21.17
N ASP A 141 -14.68 -9.36 20.70
CA ASP A 141 -15.49 -9.71 19.46
C ASP A 141 -15.51 -11.21 19.19
N SER A 142 -16.72 -11.77 19.09
CA SER A 142 -16.87 -13.21 18.88
C SER A 142 -16.38 -13.67 17.48
N PHE A 143 -16.56 -12.84 16.44
CA PHE A 143 -16.11 -13.18 15.09
C PHE A 143 -14.58 -13.22 15.02
N TYR A 144 -13.94 -12.25 15.67
CA TYR A 144 -12.47 -12.21 15.69
C TYR A 144 -11.91 -13.38 16.48
N LYS A 145 -12.55 -13.66 17.60
CA LYS A 145 -12.18 -14.77 18.41
C LYS A 145 -12.28 -16.09 17.63
N GLU A 146 -13.36 -16.27 16.87
CA GLU A 146 -13.56 -17.48 16.07
C GLU A 146 -12.51 -17.62 15.00
N THR A 147 -12.13 -16.48 14.39
CA THR A 147 -11.08 -16.47 13.40
C THR A 147 -9.75 -16.87 14.03
N LEU A 148 -9.44 -16.28 15.19
CA LEU A 148 -8.19 -16.67 15.87
C LEU A 148 -8.19 -18.17 16.14
N ASN A 149 -9.35 -18.76 16.42
CA ASN A 149 -9.43 -20.21 16.62
C ASN A 149 -8.94 -21.08 15.44
N GLU A 150 -9.03 -20.56 14.21
CA GLU A 150 -8.50 -21.30 13.06
C GLU A 150 -7.00 -21.50 13.27
N TYR A 151 -6.31 -20.45 13.74
CA TYR A 151 -4.88 -20.55 14.02
C TYR A 151 -4.62 -21.49 15.22
N LEU A 152 -5.35 -21.26 16.30
CA LEU A 152 -5.16 -22.05 17.52
C LEU A 152 -5.38 -23.57 17.27
N GLU A 153 -6.29 -23.90 16.36
CA GLU A 153 -6.55 -25.32 16.06
C GLU A 153 -5.39 -25.95 15.27
N GLU A 154 -4.66 -25.14 14.49
CA GLU A 154 -3.46 -25.64 13.80
C GLU A 154 -2.37 -25.83 14.82
N LYS A 155 -2.19 -24.85 15.72
CA LYS A 155 -1.18 -24.99 16.77
C LYS A 155 -1.42 -26.23 17.63
N ALA A 156 -2.70 -26.48 17.95
CA ALA A 156 -3.08 -27.62 18.80
C ALA A 156 -2.66 -28.95 18.19
N GLN A 157 -2.60 -29.02 16.86
CA GLN A 157 -2.19 -30.28 16.19
C GLN A 157 -0.67 -30.41 16.15
N GLY A 158 0.03 -29.45 16.76
CA GLY A 158 1.50 -29.47 16.84
C GLY A 158 2.18 -28.68 15.74
N LYS A 159 1.43 -27.94 14.93
CA LYS A 159 2.04 -27.09 13.88
C LYS A 159 2.60 -25.85 14.53
N ARG A 160 3.69 -25.33 13.96
CA ARG A 160 4.28 -24.12 14.52
C ARG A 160 4.62 -23.15 13.42
N TYR A 161 4.57 -21.86 13.78
CA TYR A 161 4.78 -20.76 12.81
C TYR A 161 5.73 -19.76 13.41
N PRO A 162 7.03 -20.10 13.48
CA PRO A 162 8.01 -19.27 14.15
C PRO A 162 8.10 -17.88 13.56
N PHE A 163 7.78 -17.73 12.27
CA PHE A 163 7.85 -16.45 11.61
C PHE A 163 6.89 -15.40 12.19
N LEU A 164 5.98 -15.81 13.06
N LEU A 164 6.00 -15.86 13.07
CA LEU A 164 5.14 -14.78 13.72
CA LEU A 164 4.99 -15.01 13.76
C LEU A 164 5.18 -14.89 15.26
C LEU A 164 5.29 -14.80 15.24
N GLU A 165 6.21 -15.58 15.77
CA GLU A 165 6.44 -15.66 17.22
C GLU A 165 7.53 -14.69 17.64
N PRO A 166 7.45 -14.17 18.87
CA PRO A 166 8.52 -13.29 19.36
C PRO A 166 9.85 -14.07 19.61
N LEU A 167 10.96 -13.38 19.82
CA LEU A 167 12.12 -14.10 20.43
C LEU A 167 11.85 -14.64 21.85
N HIS A 176 11.04 -20.59 35.95
CA HIS A 176 10.80 -22.00 36.40
C HIS A 176 10.08 -22.06 37.73
N HIS A 177 9.16 -21.11 37.91
CA HIS A 177 8.32 -21.10 39.10
C HIS A 177 7.07 -21.88 38.79
N HIS A 178 6.44 -22.39 39.84
CA HIS A 178 5.08 -22.88 39.72
C HIS A 178 4.16 -22.12 40.67
N SER B 1 -3.18 -13.68 -27.71
CA SER B 1 -2.74 -12.40 -28.38
C SER B 1 -2.27 -11.38 -27.33
N LEU B 2 -1.50 -10.40 -27.79
CA LEU B 2 -1.10 -9.27 -26.95
C LEU B 2 -2.33 -8.51 -26.47
N GLU B 3 -3.30 -8.32 -27.35
CA GLU B 3 -4.51 -7.59 -26.99
C GLU B 3 -5.22 -8.32 -25.83
N LYS B 4 -5.37 -9.65 -25.96
CA LYS B 4 -6.08 -10.39 -24.91
C LYS B 4 -5.27 -10.36 -23.63
N GLN B 5 -3.94 -10.48 -23.71
CA GLN B 5 -3.14 -10.50 -22.48
C GLN B 5 -3.23 -9.15 -21.79
N ILE B 6 -3.19 -8.07 -22.56
CA ILE B 6 -3.25 -6.76 -21.88
C ILE B 6 -4.65 -6.48 -21.30
N GLU B 7 -5.71 -6.95 -21.96
CA GLU B 7 -7.06 -6.79 -21.45
C GLU B 7 -7.27 -7.59 -20.18
N SER B 8 -6.56 -8.71 -20.06
N SER B 8 -6.55 -8.70 -20.03
CA SER B 8 -6.52 -9.52 -18.82
CA SER B 8 -6.62 -9.47 -18.77
C SER B 8 -6.05 -8.66 -17.62
C SER B 8 -6.04 -8.67 -17.59
N TYR B 9 -5.01 -7.86 -17.83
CA TYR B 9 -4.53 -6.99 -16.75
C TYR B 9 -5.62 -5.98 -16.40
N TYR B 10 -6.23 -5.40 -17.43
CA TYR B 10 -7.23 -4.36 -17.15
C TYR B 10 -8.35 -4.95 -16.34
N GLN B 11 -8.72 -6.20 -16.66
CA GLN B 11 -9.83 -6.87 -15.98
C GLN B 11 -9.45 -7.18 -14.54
N GLU B 12 -8.19 -7.60 -14.35
CA GLU B 12 -7.74 -7.95 -13.00
C GLU B 12 -7.68 -6.72 -12.08
N ILE B 13 -7.19 -5.60 -12.59
CA ILE B 13 -7.16 -4.35 -11.84
C ILE B 13 -8.58 -3.91 -11.52
N ALA B 14 -9.46 -3.96 -12.54
CA ALA B 14 -10.87 -3.54 -12.30
C ALA B 14 -11.49 -4.39 -11.22
N GLN B 15 -11.26 -5.71 -11.25
CA GLN B 15 -11.87 -6.60 -10.25
C GLN B 15 -11.33 -6.27 -8.83
N LEU B 16 -10.01 -5.97 -8.71
CA LEU B 16 -9.50 -5.65 -7.36
C LEU B 16 -10.13 -4.37 -6.84
N ILE B 17 -10.32 -3.39 -7.73
CA ILE B 17 -10.98 -2.13 -7.31
C ILE B 17 -12.41 -2.46 -6.96
N ILE B 18 -13.13 -3.22 -7.79
CA ILE B 18 -14.52 -3.61 -7.44
C ILE B 18 -14.59 -4.28 -6.08
N ASP B 19 -13.62 -5.12 -5.77
CA ASP B 19 -13.60 -5.83 -4.48
C ASP B 19 -13.51 -4.87 -3.31
N MET B 20 -12.86 -3.71 -3.54
N MET B 20 -12.93 -3.69 -3.51
CA MET B 20 -12.73 -2.65 -2.49
CA MET B 20 -12.82 -2.71 -2.42
C MET B 20 -13.95 -1.75 -2.36
C MET B 20 -14.07 -1.84 -2.30
N ILE B 21 -14.78 -1.66 -3.40
CA ILE B 21 -15.93 -0.76 -3.41
C ILE B 21 -17.07 -1.38 -2.58
N PRO B 22 -17.62 -0.61 -1.60
CA PRO B 22 -18.58 -1.13 -0.63
C PRO B 22 -20.06 -0.98 -1.01
N GLU B 23 -20.36 -0.43 -2.19
CA GLU B 23 -21.78 -0.21 -2.56
C GLU B 23 -21.92 -0.35 -4.08
N GLU B 24 -23.16 -0.36 -4.58
CA GLU B 24 -23.39 -0.29 -6.02
C GLU B 24 -22.72 0.99 -6.59
N TRP B 25 -22.18 0.84 -7.78
CA TRP B 25 -21.39 1.90 -8.38
C TRP B 25 -21.73 1.98 -9.86
N ALA B 26 -21.54 3.17 -10.43
CA ALA B 26 -21.81 3.41 -11.85
C ALA B 26 -20.54 3.47 -12.71
N GLU B 27 -19.46 4.01 -12.14
CA GLU B 27 -18.28 4.33 -12.91
C GLU B 27 -17.11 4.38 -11.96
N VAL B 28 -15.93 4.01 -12.43
CA VAL B 28 -14.71 4.15 -11.66
C VAL B 28 -13.67 4.83 -12.55
N ARG B 29 -12.91 5.73 -11.94
CA ARG B 29 -11.74 6.30 -12.63
C ARG B 29 -10.50 5.99 -11.76
N PHE B 30 -9.51 5.43 -12.42
CA PHE B 30 -8.29 4.93 -11.79
C PHE B 30 -7.07 5.60 -12.38
N TYR B 31 -6.13 5.92 -11.50
CA TYR B 31 -4.87 6.54 -11.89
C TYR B 31 -3.74 5.68 -11.28
N ALA B 32 -2.73 5.32 -12.07
CA ALA B 32 -1.57 4.60 -11.55
C ALA B 32 -0.32 5.15 -12.17
N GLN B 33 0.73 5.21 -11.34
CA GLN B 33 2.01 5.78 -11.76
C GLN B 33 3.13 5.02 -11.06
N GLU B 34 4.14 4.67 -11.83
CA GLU B 34 5.35 4.10 -11.23
C GLU B 34 6.52 4.52 -12.07
N ASP B 35 7.59 4.93 -11.41
CA ASP B 35 8.74 5.31 -12.17
C ASP B 35 9.83 4.26 -12.14
N HIS B 36 10.99 4.61 -12.70
CA HIS B 36 12.03 3.64 -12.88
C HIS B 36 12.58 3.17 -11.55
N ASP B 37 12.53 4.04 -10.54
CA ASP B 37 13.10 3.73 -9.24
C ASP B 37 12.06 3.12 -8.28
N GLY B 38 10.86 2.82 -8.78
CA GLY B 38 9.82 2.19 -7.93
C GLY B 38 8.89 3.15 -7.21
N TRP B 39 9.13 4.46 -7.33
N TRP B 39 9.09 4.42 -7.33
CA TRP B 39 8.22 5.50 -6.76
CA TRP B 39 8.20 5.26 -6.59
C TRP B 39 6.84 5.28 -7.32
C TRP B 39 6.85 5.36 -7.28
N LYS B 40 5.81 5.23 -6.46
CA LYS B 40 4.48 4.88 -6.96
C LYS B 40 3.41 5.81 -6.39
N ILE B 41 2.45 6.18 -7.24
CA ILE B 41 1.18 6.81 -6.75
C ILE B 41 0.06 6.05 -7.45
N PHE B 42 -1.00 5.71 -6.72
CA PHE B 42 -2.15 5.13 -7.42
C PHE B 42 -3.37 5.39 -6.58
N PHE B 43 -4.51 5.60 -7.25
CA PHE B 43 -5.75 5.84 -6.51
C PHE B 43 -6.92 5.64 -7.45
N PHE B 44 -8.10 5.45 -6.85
CA PHE B 44 -9.31 5.47 -7.70
C PHE B 44 -10.36 6.28 -7.00
N HIS B 45 -11.34 6.74 -7.80
CA HIS B 45 -12.61 7.28 -7.30
C HIS B 45 -13.71 6.51 -7.99
N TYR B 46 -14.87 6.46 -7.34
CA TYR B 46 -16.04 5.80 -7.94
C TYR B 46 -17.28 6.62 -7.74
N LEU B 47 -18.21 6.45 -8.68
CA LEU B 47 -19.44 7.20 -8.72
C LEU B 47 -20.48 6.27 -8.17
N SER B 48 -21.08 6.69 -7.08
CA SER B 48 -22.07 5.91 -6.37
C SER B 48 -23.34 5.78 -7.21
N ALA B 49 -23.92 4.57 -7.25
CA ALA B 49 -25.12 4.35 -8.03
C ALA B 49 -26.32 5.04 -7.38
N SER B 50 -26.42 4.99 -6.06
CA SER B 50 -27.59 5.60 -5.40
C SER B 50 -27.49 7.13 -5.23
N SER B 51 -26.37 7.61 -4.72
N SER B 51 -26.37 7.63 -4.70
CA SER B 51 -26.21 9.05 -4.40
CA SER B 51 -26.25 9.06 -4.40
C SER B 51 -25.81 9.89 -5.61
C SER B 51 -25.79 9.90 -5.60
N ASP B 52 -25.17 9.26 -6.59
CA ASP B 52 -24.63 9.95 -7.78
C ASP B 52 -23.54 10.98 -7.38
N GLU B 53 -22.82 10.64 -6.31
CA GLU B 53 -21.68 11.43 -5.85
C GLU B 53 -20.44 10.58 -6.03
N TRP B 54 -19.32 11.22 -6.30
CA TRP B 54 -18.02 10.55 -6.37
C TRP B 54 -17.43 10.37 -4.97
N THR B 55 -16.83 9.21 -4.76
CA THR B 55 -16.22 8.85 -3.49
C THR B 55 -14.73 8.48 -3.74
N LYS B 56 -13.84 8.95 -2.87
N LYS B 56 -13.86 8.95 -2.86
CA LYS B 56 -12.41 8.59 -2.99
CA LYS B 56 -12.44 8.61 -2.87
C LYS B 56 -12.17 7.24 -2.34
C LYS B 56 -12.20 7.20 -2.34
N ASP B 57 -11.32 6.46 -2.98
CA ASP B 57 -10.87 5.17 -2.40
C ASP B 57 -10.52 5.25 -0.88
N ILE B 58 -9.75 6.30 -0.48
CA ILE B 58 -9.35 6.55 0.93
C ILE B 58 -10.50 6.84 1.88
N ASP B 59 -11.69 7.07 1.36
CA ASP B 59 -12.83 7.29 2.22
C ASP B 59 -13.66 6.04 2.43
N ILE B 60 -13.38 4.99 1.67
CA ILE B 60 -14.15 3.74 1.85
C ILE B 60 -13.90 3.17 3.25
N ARG B 61 -12.67 3.35 3.75
CA ARG B 61 -12.34 2.76 5.05
C ARG B 61 -13.21 3.25 6.20
N ASP B 62 -13.88 4.42 6.03
CA ASP B 62 -14.79 4.96 7.04
C ASP B 62 -16.13 4.24 7.10
N VAL B 63 -16.45 3.49 6.04
CA VAL B 63 -17.77 2.83 5.96
C VAL B 63 -17.71 1.30 5.94
N ILE B 64 -16.55 0.70 5.70
CA ILE B 64 -16.53 -0.75 5.57
C ILE B 64 -16.97 -1.44 6.85
N LYS B 65 -17.53 -2.63 6.70
CA LYS B 65 -18.01 -3.38 7.84
C LYS B 65 -17.09 -4.55 8.13
N VAL B 66 -16.23 -4.86 7.16
CA VAL B 66 -15.23 -5.94 7.28
C VAL B 66 -13.97 -5.39 7.93
N PRO B 67 -13.11 -6.29 8.43
CA PRO B 67 -11.84 -5.84 9.00
C PRO B 67 -11.01 -5.01 8.03
N GLN B 68 -10.36 -4.00 8.60
CA GLN B 68 -9.52 -3.12 7.81
C GLN B 68 -8.45 -3.92 7.07
N ASP B 69 -7.94 -4.98 7.73
CA ASP B 69 -6.92 -5.84 7.03
C ASP B 69 -7.44 -6.47 5.74
N GLU B 70 -8.74 -6.75 5.65
CA GLU B 70 -9.28 -7.28 4.40
C GLU B 70 -9.18 -6.25 3.28
N PHE B 71 -9.43 -4.98 3.61
CA PHE B 71 -9.27 -3.88 2.63
C PHE B 71 -7.81 -3.71 2.28
N MET B 72 -6.94 -3.74 3.30
CA MET B 72 -5.49 -3.52 3.06
C MET B 72 -4.93 -4.66 2.23
N GLU B 73 -5.46 -5.87 2.43
CA GLU B 73 -5.05 -6.97 1.54
C GLU B 73 -5.32 -6.68 0.05
N LYS B 74 -6.53 -6.24 -0.23
CA LYS B 74 -6.89 -5.89 -1.60
C LYS B 74 -6.03 -4.74 -2.15
N TYR B 75 -5.78 -3.78 -1.29
CA TYR B 75 -4.92 -2.62 -1.64
C TYR B 75 -3.56 -3.11 -2.05
N ASN B 76 -3.00 -4.02 -1.24
CA ASN B 76 -1.71 -4.55 -1.53
C ASN B 76 -1.73 -5.35 -2.83
N GLU B 77 -2.79 -6.12 -3.04
N GLU B 77 -2.81 -6.11 -3.06
CA GLU B 77 -2.86 -6.89 -4.30
CA GLU B 77 -2.93 -6.91 -4.30
C GLU B 77 -2.89 -5.96 -5.51
C GLU B 77 -3.07 -6.04 -5.56
N LEU B 78 -3.66 -4.87 -5.39
CA LEU B 78 -3.77 -3.90 -6.51
C LEU B 78 -2.42 -3.26 -6.71
N SER B 79 -1.75 -2.87 -5.61
CA SER B 79 -0.41 -2.28 -5.78
C SER B 79 0.57 -3.22 -6.47
N PHE B 80 0.55 -4.51 -6.09
CA PHE B 80 1.45 -5.47 -6.78
C PHE B 80 1.02 -5.63 -8.24
N CYS B 81 -0.29 -5.70 -8.50
CA CYS B 81 -0.70 -5.88 -9.91
C CYS B 81 -0.14 -4.75 -10.79
N ILE B 82 -0.20 -3.52 -10.30
CA ILE B 82 0.35 -2.35 -11.04
C ILE B 82 1.81 -2.57 -11.41
N SER B 83 2.62 -2.99 -10.41
CA SER B 83 4.05 -3.17 -10.65
C SER B 83 4.33 -4.37 -11.53
N ASP B 84 3.58 -5.46 -11.32
CA ASP B 84 3.80 -6.69 -12.09
C ASP B 84 3.46 -6.40 -13.57
N PHE B 85 2.36 -5.68 -13.77
CA PHE B 85 1.96 -5.25 -15.14
C PHE B 85 3.04 -4.39 -15.79
N ARG B 86 3.55 -3.40 -15.06
CA ARG B 86 4.57 -2.50 -15.60
C ARG B 86 5.79 -3.30 -16.05
N LYS B 87 6.19 -4.26 -15.23
N LYS B 87 6.23 -4.24 -15.23
CA LYS B 87 7.42 -5.04 -15.54
CA LYS B 87 7.41 -5.03 -15.60
C LYS B 87 7.24 -5.93 -16.78
C LYS B 87 7.19 -5.83 -16.86
N ASP B 88 6.07 -6.55 -16.88
CA ASP B 88 5.75 -7.36 -18.03
C ASP B 88 5.59 -6.55 -19.30
N TYR B 89 4.94 -5.39 -19.18
CA TYR B 89 4.77 -4.50 -20.31
C TYR B 89 6.15 -4.02 -20.80
N ALA B 90 7.05 -3.66 -19.87
CA ALA B 90 8.45 -3.24 -20.27
C ALA B 90 9.24 -4.33 -20.95
N GLU B 91 9.15 -5.55 -20.42
CA GLU B 91 9.78 -6.71 -21.06
C GLU B 91 9.31 -6.93 -22.48
N ALA B 92 8.00 -6.83 -22.68
CA ALA B 92 7.39 -7.14 -23.97
C ALA B 92 7.59 -6.01 -24.98
N PHE B 93 7.43 -4.77 -24.55
N PHE B 93 7.33 -4.77 -24.52
CA PHE B 93 7.52 -3.69 -25.54
CA PHE B 93 7.31 -3.46 -25.28
C PHE B 93 8.86 -2.98 -25.56
C PHE B 93 8.66 -2.70 -25.23
N GLY B 94 9.68 -3.28 -24.58
CA GLY B 94 11.00 -2.71 -24.53
C GLY B 94 11.13 -1.45 -23.73
N GLU B 95 10.01 -0.84 -23.30
CA GLU B 95 10.03 0.30 -22.37
C GLU B 95 8.76 0.32 -21.54
N PRO B 96 8.87 0.78 -20.28
CA PRO B 96 7.65 0.81 -19.48
C PRO B 96 6.82 2.08 -19.71
N TRP B 97 5.52 1.98 -19.38
CA TRP B 97 4.74 3.20 -19.23
C TRP B 97 5.20 3.89 -17.92
N MET B 98 4.96 5.20 -17.80
CA MET B 98 5.23 5.94 -16.55
C MET B 98 3.96 6.06 -15.75
N SER B 99 2.84 6.19 -16.43
CA SER B 99 1.55 6.19 -15.73
C SER B 99 0.46 5.75 -16.69
N PHE B 100 -0.71 5.52 -16.12
CA PHE B 100 -1.87 5.25 -16.94
C PHE B 100 -3.14 5.68 -16.24
N GLN B 101 -4.20 5.84 -17.03
CA GLN B 101 -5.52 6.15 -16.48
C GLN B 101 -6.52 5.21 -17.11
N MET B 102 -7.44 4.72 -16.30
N MET B 102 -7.48 4.77 -16.32
CA MET B 102 -8.52 3.89 -16.80
CA MET B 102 -8.49 3.80 -16.74
C MET B 102 -9.85 4.36 -16.26
C MET B 102 -9.87 4.20 -16.22
N THR B 103 -10.86 4.26 -17.11
CA THR B 103 -12.23 4.49 -16.69
C THR B 103 -13.01 3.24 -17.02
N PHE B 104 -13.82 2.77 -16.07
CA PHE B 104 -14.73 1.67 -16.43
C PHE B 104 -16.11 1.86 -15.85
N TYR B 105 -17.10 1.22 -16.47
CA TYR B 105 -18.47 1.43 -16.10
C TYR B 105 -19.10 0.11 -15.69
N ALA B 106 -20.26 0.22 -15.06
CA ALA B 106 -21.01 -0.92 -14.59
C ALA B 106 -21.30 -1.92 -15.70
N SER B 107 -21.49 -1.41 -16.93
CA SER B 107 -21.72 -2.21 -18.12
C SER B 107 -20.54 -3.12 -18.51
N GLY B 108 -19.35 -2.85 -17.96
CA GLY B 108 -18.12 -3.52 -18.37
C GLY B 108 -17.34 -2.77 -19.44
N LYS B 109 -17.94 -1.73 -19.99
CA LYS B 109 -17.19 -0.86 -20.90
C LYS B 109 -16.04 -0.13 -20.20
N PHE B 110 -14.97 0.12 -20.95
CA PHE B 110 -13.83 0.80 -20.37
C PHE B 110 -13.05 1.60 -21.41
N ASN B 111 -12.28 2.55 -20.89
CA ASN B 111 -11.39 3.39 -21.69
C ASN B 111 -10.06 3.44 -20.93
N ILE B 112 -8.94 3.44 -21.64
CA ILE B 112 -7.63 3.49 -20.97
C ILE B 112 -6.64 4.24 -21.85
N ASP B 113 -5.69 4.90 -21.20
N ASP B 113 -5.67 4.88 -21.21
CA ASP B 113 -4.57 5.48 -21.94
CA ASP B 113 -4.58 5.55 -21.90
C ASP B 113 -3.30 5.36 -21.10
C ASP B 113 -3.28 5.54 -21.10
N PHE B 114 -2.17 5.33 -21.80
CA PHE B 114 -0.83 5.25 -21.19
C PHE B 114 -0.02 6.50 -21.47
N TYR B 115 0.81 6.86 -20.49
CA TYR B 115 1.62 8.05 -20.55
C TYR B 115 3.08 7.78 -20.21
N TYR B 116 3.95 8.66 -20.73
CA TYR B 116 5.40 8.44 -20.61
C TYR B 116 6.11 9.66 -20.03
N ASP B 117 5.33 10.53 -19.40
CA ASP B 117 5.85 11.74 -18.75
C ASP B 117 6.25 11.49 -17.31
N LYS B 118 7.16 12.29 -16.80
CA LYS B 118 7.48 12.32 -15.36
C LYS B 118 6.47 13.26 -14.67
N ASN B 119 5.98 12.85 -13.53
CA ASN B 119 5.08 13.67 -12.71
C ASN B 119 5.89 14.35 -11.64
N PRO B 120 5.94 15.70 -11.61
CA PRO B 120 6.76 16.33 -10.59
C PRO B 120 6.08 16.44 -9.22
N PHE B 121 4.81 16.06 -9.09
CA PHE B 121 4.05 16.35 -7.87
C PHE B 121 3.93 15.13 -6.98
N ASP B 122 3.83 15.40 -5.67
CA ASP B 122 3.74 14.28 -4.74
C ASP B 122 2.32 13.69 -4.68
N THR B 123 2.11 12.73 -3.78
CA THR B 123 0.83 11.97 -3.81
C THR B 123 -0.36 12.90 -3.54
N PHE B 124 -0.22 13.67 -2.47
CA PHE B 124 -1.30 14.55 -2.05
C PHE B 124 -1.67 15.58 -3.18
N LEU B 125 -0.67 16.27 -3.73
CA LEU B 125 -0.93 17.29 -4.76
C LEU B 125 -1.39 16.60 -6.05
N THR B 126 -0.86 15.41 -6.36
CA THR B 126 -1.33 14.72 -7.57
C THR B 126 -2.85 14.47 -7.45
N ARG B 127 -3.33 13.95 -6.32
CA ARG B 127 -4.79 13.72 -6.22
C ARG B 127 -5.60 15.02 -6.30
N LEU B 128 -5.15 16.09 -5.62
CA LEU B 128 -5.83 17.38 -5.72
C LEU B 128 -5.92 17.85 -7.17
N ALA B 129 -4.81 17.76 -7.91
CA ALA B 129 -4.75 18.22 -9.29
C ALA B 129 -5.60 17.33 -10.21
N TRP B 130 -5.53 16.01 -10.00
CA TRP B 130 -6.38 15.08 -10.72
C TRP B 130 -7.86 15.41 -10.48
N GLN B 131 -8.26 15.63 -9.22
CA GLN B 131 -9.66 16.03 -8.92
C GLN B 131 -10.09 17.36 -9.56
N TYR B 132 -9.16 18.29 -9.56
CA TYR B 132 -9.39 19.58 -10.21
C TYR B 132 -9.68 19.36 -11.71
N GLU B 133 -8.84 18.54 -12.36
CA GLU B 133 -8.99 18.32 -13.81
C GLU B 133 -10.21 17.51 -14.18
N HIS B 134 -10.51 16.47 -13.40
CA HIS B 134 -11.68 15.62 -13.66
C HIS B 134 -12.99 16.23 -13.21
N PHE B 135 -13.00 16.82 -12.04
CA PHE B 135 -14.29 17.29 -11.46
C PHE B 135 -14.41 18.79 -11.22
N GLY B 136 -13.33 19.54 -11.46
CA GLY B 136 -13.31 20.98 -11.19
C GLY B 136 -13.27 21.35 -9.71
N THR B 137 -12.92 20.38 -8.87
CA THR B 137 -12.88 20.57 -7.43
C THR B 137 -11.78 21.53 -6.99
N ILE B 138 -12.20 22.57 -6.27
CA ILE B 138 -11.29 23.45 -5.57
C ILE B 138 -11.60 23.27 -4.07
N PRO B 139 -10.61 22.80 -3.28
CA PRO B 139 -10.79 22.61 -1.83
C PRO B 139 -11.14 23.88 -1.03
N ASP B 141 -10.88 24.09 2.09
CA ASP B 141 -9.82 24.20 3.10
C ASP B 141 -8.66 25.05 2.59
N SER B 142 -8.21 26.04 3.38
CA SER B 142 -7.12 26.93 2.94
C SER B 142 -5.76 26.27 2.68
N PHE B 143 -5.30 25.38 3.58
CA PHE B 143 -4.07 24.59 3.31
C PHE B 143 -4.18 23.71 2.03
N TYR B 144 -5.31 23.03 1.86
CA TYR B 144 -5.50 22.21 0.64
C TYR B 144 -5.57 23.12 -0.59
N LYS B 145 -6.20 24.30 -0.45
CA LYS B 145 -6.28 25.24 -1.56
C LYS B 145 -4.90 25.79 -1.92
N GLU B 146 -4.11 26.17 -0.91
CA GLU B 146 -2.74 26.64 -1.22
C GLU B 146 -1.86 25.58 -1.86
N THR B 147 -2.01 24.34 -1.42
CA THR B 147 -1.30 23.23 -2.07
C THR B 147 -1.67 23.13 -3.55
N LEU B 148 -2.97 23.15 -3.86
CA LEU B 148 -3.43 23.04 -5.24
C LEU B 148 -2.90 24.21 -6.05
N ASN B 149 -2.70 25.35 -5.40
CA ASN B 149 -2.10 26.53 -6.09
C ASN B 149 -0.75 26.26 -6.73
N GLU B 150 0.02 25.34 -6.14
N GLU B 150 0.01 25.33 -6.16
CA GLU B 150 1.30 24.99 -6.73
CA GLU B 150 1.31 24.97 -6.70
C GLU B 150 1.05 24.52 -8.14
C GLU B 150 1.17 24.33 -8.08
N TYR B 151 0.06 23.64 -8.31
CA TYR B 151 -0.26 23.07 -9.62
C TYR B 151 -0.84 24.16 -10.53
N LEU B 152 -1.79 24.94 -10.01
CA LEU B 152 -2.42 25.97 -10.82
C LEU B 152 -1.42 27.04 -11.34
N GLU B 153 -0.37 27.27 -10.56
CA GLU B 153 0.70 28.23 -10.97
C GLU B 153 1.40 27.70 -12.24
N GLU B 154 1.59 26.38 -12.33
CA GLU B 154 2.20 25.80 -13.53
C GLU B 154 1.24 25.91 -14.69
N LYS B 155 -0.05 25.62 -14.45
N LYS B 155 -0.05 25.62 -14.43
CA LYS B 155 -1.00 25.71 -15.54
CA LYS B 155 -1.10 25.74 -15.46
C LYS B 155 -1.00 27.15 -16.08
C LYS B 155 -1.17 27.16 -16.02
N ALA B 156 -0.85 28.13 -15.18
CA ALA B 156 -0.88 29.57 -15.60
C ALA B 156 0.25 29.94 -16.56
N GLN B 157 1.27 29.08 -16.60
CA GLN B 157 2.42 29.30 -17.49
C GLN B 157 2.26 28.43 -18.75
N GLY B 158 1.11 27.80 -18.90
CA GLY B 158 0.79 27.03 -20.10
C GLY B 158 1.27 25.59 -20.02
N LYS B 159 1.80 25.18 -18.87
CA LYS B 159 2.16 23.74 -18.66
C LYS B 159 0.91 22.86 -18.61
N ARG B 160 1.03 21.63 -19.12
N ARG B 160 1.05 21.65 -19.16
CA ARG B 160 -0.10 20.70 -19.11
CA ARG B 160 -0.04 20.66 -19.22
C ARG B 160 0.37 19.30 -18.75
C ARG B 160 0.44 19.32 -18.65
N TYR B 161 -0.49 18.58 -18.05
CA TYR B 161 -0.17 17.27 -17.44
C TYR B 161 -1.26 16.31 -17.88
N PRO B 162 -1.19 15.86 -19.16
CA PRO B 162 -2.26 15.04 -19.75
C PRO B 162 -2.53 13.78 -18.96
N PHE B 163 -1.50 13.30 -18.26
CA PHE B 163 -1.62 12.05 -17.46
C PHE B 163 -2.61 12.17 -16.29
N LEU B 164 -3.06 13.39 -15.97
N LEU B 164 -3.02 13.43 -15.98
CA LEU B 164 -4.12 13.51 -14.95
CA LEU B 164 -3.97 13.79 -14.91
C LEU B 164 -5.35 14.29 -15.41
C LEU B 164 -5.37 14.17 -15.43
N GLU B 165 -5.46 14.45 -16.72
CA GLU B 165 -6.66 15.04 -17.34
C GLU B 165 -7.62 13.96 -17.80
N PRO B 166 -8.93 14.29 -17.79
CA PRO B 166 -9.90 13.30 -18.27
C PRO B 166 -9.54 12.79 -19.67
N LEU B 167 -9.86 11.51 -19.92
CA LEU B 167 -9.57 10.88 -21.21
C LEU B 167 -10.34 11.53 -22.38
N HIS B 175 -14.40 20.82 -30.53
CA HIS B 175 -15.67 21.26 -29.96
C HIS B 175 -15.70 22.78 -29.71
N HIS B 176 -16.70 23.41 -30.32
CA HIS B 176 -16.81 24.86 -30.37
C HIS B 176 -18.21 25.32 -30.00
N HIS B 177 -18.80 24.64 -29.03
CA HIS B 177 -20.03 25.11 -28.47
C HIS B 177 -19.74 26.10 -27.32
N HIS B 178 -20.69 26.97 -27.02
CA HIS B 178 -20.65 27.78 -25.83
C HIS B 178 -21.93 27.54 -25.03
S SO4 C . -7.92 13.60 3.97
O1 SO4 C . -7.32 13.99 2.70
O2 SO4 C . -8.85 12.51 3.73
O3 SO4 C . -6.94 13.24 4.97
O4 SO4 C . -8.68 14.77 4.43
C1 GOL D . 9.30 15.46 23.50
O1 GOL D . 8.28 16.08 22.79
C2 GOL D . 9.94 16.45 24.43
O2 GOL D . 10.28 17.53 23.62
C3 GOL D . 8.93 16.85 25.48
O3 GOL D . 8.18 15.71 25.84
C1 GOL E . -13.42 -2.93 1.08
O1 GOL E . -14.78 -2.71 0.98
C2 GOL E . -13.27 -4.41 1.33
O2 GOL E . -12.72 -4.52 2.59
C3 GOL E . -12.34 -5.04 0.31
O3 GOL E . -12.04 -6.32 0.80
#